data_9OET
#
_entry.id   9OET
#
_cell.length_a   88.892
_cell.length_b   139.970
_cell.length_c   95.427
_cell.angle_alpha   90.00
_cell.angle_beta   90.00
_cell.angle_gamma   90.00
#
_symmetry.space_group_name_H-M   'C 2 2 21'
#
loop_
_entity.id
_entity.type
_entity.pdbx_description
1 polymer 'Lysine hydroxylase'
2 non-polymer oxovanadium(2+)
3 non-polymer 'SUCCINIC ACID'
4 water water
#
_entity_poly.entity_id   1
_entity_poly.type   'polypeptide(L)'
_entity_poly.pdbx_seq_one_letter_code
;MDVHEIDETLEKFLAENYTPERVQQLADRFQRTGFVKFDSHMRIVPEELITAVRAEADRLVREHKERRDLVLGTTGGTPR
NLSVVKSQDVEQSDLIRAVTRSEVLLTFLAGITRERIIPEVSDDERYLITHQEFASDTHGWHWDDYSFAFNWALRMPPIA
SGGMVQAVPHTHWDKNAPRINETLCERQIDTYGLVSGDLYLLRSDTTMHRTVPLTEDGAVRTMLVVSWSAERDLGKVLTG
NDRWWENPEAGAAQPVHRAG
;
_entity_poly.pdbx_strand_id   D,A
#
loop_
_chem_comp.id
_chem_comp.type
_chem_comp.name
_chem_comp.formula
SIN non-polymer 'SUCCINIC ACID' 'C4 H6 O4'
VVO non-polymer oxovanadium(2+) 'O V 2'
#
# COMPACT_ATOMS: atom_id res chain seq x y z
N ASP A 2 15.21 33.52 20.62
CA ASP A 2 14.14 34.12 19.84
C ASP A 2 12.77 33.90 20.51
N VAL A 3 11.85 34.84 20.30
CA VAL A 3 10.52 34.76 20.90
C VAL A 3 9.47 35.16 19.86
N HIS A 4 9.19 36.45 19.75
CA HIS A 4 8.47 36.96 18.59
C HIS A 4 9.36 37.09 17.37
N GLU A 5 10.67 36.85 17.53
CA GLU A 5 11.56 36.74 16.39
C GLU A 5 11.21 35.53 15.52
N ILE A 6 10.55 34.52 16.09
CA ILE A 6 10.19 33.35 15.31
C ILE A 6 9.18 33.73 14.23
N ASP A 7 8.13 34.47 14.60
CA ASP A 7 7.13 34.88 13.62
C ASP A 7 7.74 35.74 12.53
N GLU A 8 8.64 36.66 12.90
CA GLU A 8 9.30 37.49 11.91
C GLU A 8 10.17 36.65 10.98
N THR A 9 10.88 35.67 11.53
CA THR A 9 11.69 34.79 10.70
C THR A 9 10.82 34.03 9.70
N LEU A 10 9.71 33.46 10.17
CA LEU A 10 8.84 32.66 9.31
C LEU A 10 8.19 33.52 8.24
N GLU A 11 7.69 34.70 8.62
CA GLU A 11 7.06 35.59 7.64
C GLU A 11 8.04 35.92 6.52
N LYS A 12 9.27 36.31 6.86
CA LYS A 12 10.24 36.67 5.83
C LYS A 12 10.60 35.46 4.98
N PHE A 13 10.76 34.30 5.59
CA PHE A 13 11.09 33.11 4.83
C PHE A 13 9.97 32.76 3.84
N LEU A 14 8.72 32.80 4.30
CA LEU A 14 7.59 32.46 3.43
C LEU A 14 7.43 33.50 2.31
N ALA A 15 7.53 34.79 2.66
CA ALA A 15 7.42 35.84 1.65
C ALA A 15 8.51 35.72 0.60
N GLU A 16 9.72 35.31 1.01
CA GLU A 16 10.82 35.18 0.06
C GLU A 16 10.68 33.97 -0.85
N ASN A 17 9.92 32.96 -0.45
CA ASN A 17 9.98 31.69 -1.18
C ASN A 17 8.68 31.29 -1.85
N TYR A 18 7.58 31.98 -1.60
CA TYR A 18 6.28 31.55 -2.14
C TYR A 18 5.64 32.67 -2.91
N THR A 19 5.18 32.36 -4.12
CA THR A 19 4.31 33.16 -4.96
C THR A 19 2.86 32.74 -4.74
N PRO A 20 1.90 33.61 -5.04
CA PRO A 20 0.50 33.18 -4.96
C PRO A 20 0.21 31.96 -5.80
N GLU A 21 0.88 31.85 -6.96
CA GLU A 21 0.66 30.73 -7.86
C GLU A 21 1.15 29.42 -7.26
N ARG A 22 2.29 29.45 -6.57
CA ARG A 22 2.78 28.25 -5.90
C ARG A 22 1.82 27.82 -4.80
N VAL A 23 1.29 28.78 -4.03
CA VAL A 23 0.35 28.43 -2.97
C VAL A 23 -0.89 27.77 -3.54
N GLN A 24 -1.41 28.30 -4.66
CA GLN A 24 -2.60 27.69 -5.28
C GLN A 24 -2.30 26.31 -5.86
N GLN A 25 -1.10 26.12 -6.42
CA GLN A 25 -0.72 24.79 -6.86
C GLN A 25 -0.72 23.81 -5.71
N LEU A 26 -0.19 24.22 -4.54
CA LEU A 26 -0.18 23.35 -3.38
C LEU A 26 -1.59 23.12 -2.86
N ALA A 27 -2.44 24.14 -2.92
CA ALA A 27 -3.83 23.97 -2.52
C ALA A 27 -4.55 22.96 -3.43
N ASP A 28 -4.30 23.04 -4.75
CA ASP A 28 -4.84 22.05 -5.68
C ASP A 28 -4.35 20.65 -5.32
N ARG A 29 -3.05 20.50 -5.08
CA ARG A 29 -2.50 19.21 -4.67
C ARG A 29 -3.11 18.71 -3.36
N PHE A 30 -3.29 19.60 -2.39
CA PHE A 30 -3.87 19.19 -1.10
C PHE A 30 -5.31 18.70 -1.26
N GLN A 31 -6.14 19.43 -2.00
CA GLN A 31 -7.49 18.96 -2.30
C GLN A 31 -7.47 17.62 -3.04
N ARG A 32 -6.57 17.47 -4.02
CA ARG A 32 -6.58 16.29 -4.85
C ARG A 32 -6.11 15.04 -4.09
N THR A 33 -5.06 15.17 -3.28
CA THR A 33 -4.34 14.03 -2.70
C THR A 33 -4.46 13.92 -1.19
N GLY A 34 -4.98 14.94 -0.51
CA GLY A 34 -4.96 14.97 0.94
C GLY A 34 -3.61 15.19 1.56
N PHE A 35 -2.58 15.49 0.76
CA PHE A 35 -1.20 15.43 1.24
C PHE A 35 -0.34 16.45 0.53
N VAL A 36 0.44 17.21 1.29
CA VAL A 36 1.46 18.09 0.72
C VAL A 36 2.73 17.90 1.52
N LYS A 37 3.82 17.56 0.84
CA LYS A 37 5.11 17.38 1.49
C LYS A 37 5.95 18.64 1.33
N PHE A 38 6.53 19.08 2.42
CA PHE A 38 7.44 20.23 2.40
C PHE A 38 8.85 19.68 2.58
N ASP A 39 9.55 19.50 1.45
CA ASP A 39 10.87 18.89 1.53
C ASP A 39 11.94 19.91 1.17
N SER A 40 13.14 19.44 0.84
CA SER A 40 14.22 20.36 0.54
C SER A 40 13.90 21.26 -0.66
N HIS A 41 13.04 20.81 -1.57
CA HIS A 41 12.61 21.63 -2.71
C HIS A 41 11.37 22.45 -2.44
N MET A 42 10.87 22.46 -1.21
CA MET A 42 9.64 23.16 -0.88
C MET A 42 9.60 23.47 0.61
N ARG A 43 10.64 24.13 1.11
CA ARG A 43 10.69 24.37 2.54
C ARG A 43 9.59 25.33 2.97
N ILE A 44 9.08 25.12 4.17
CA ILE A 44 8.06 26.02 4.73
C ILE A 44 8.60 26.66 6.00
N VAL A 45 9.45 25.93 6.73
CA VAL A 45 10.13 26.42 7.92
C VAL A 45 11.62 26.35 7.62
N PRO A 46 12.39 27.40 7.87
CA PRO A 46 13.81 27.37 7.50
C PRO A 46 14.57 26.25 8.19
N GLU A 47 15.65 25.81 7.56
CA GLU A 47 16.37 24.63 8.04
C GLU A 47 16.89 24.83 9.46
N GLU A 48 17.29 26.05 9.81
CA GLU A 48 17.84 26.30 11.15
C GLU A 48 16.79 26.04 12.22
N LEU A 49 15.53 26.34 11.92
CA LEU A 49 14.47 26.10 12.89
C LEU A 49 14.14 24.61 12.98
N ILE A 50 14.20 23.90 11.85
CA ILE A 50 13.98 22.47 11.89
C ILE A 50 15.02 21.80 12.78
N THR A 51 16.29 22.16 12.61
CA THR A 51 17.35 21.60 13.46
C THR A 51 17.05 21.86 14.93
N ALA A 52 16.58 23.06 15.27
CA ALA A 52 16.29 23.39 16.65
C ALA A 52 15.10 22.60 17.16
N VAL A 53 14.09 22.41 16.31
CA VAL A 53 12.93 21.63 16.73
C VAL A 53 13.34 20.17 16.90
N ARG A 54 14.22 19.66 16.03
CA ARG A 54 14.71 18.30 16.20
C ARG A 54 15.46 18.13 17.51
N ALA A 55 16.29 19.12 17.87
CA ALA A 55 17.01 19.06 19.14
C ALA A 55 16.05 19.03 20.32
N GLU A 56 15.00 19.86 20.27
CA GLU A 56 13.99 19.88 21.35
C GLU A 56 13.23 18.56 21.44
N ALA A 57 12.87 17.98 20.29
CA ALA A 57 12.20 16.70 20.29
C ALA A 57 13.12 15.60 20.83
N ASP A 58 14.40 15.63 20.46
CA ASP A 58 15.35 14.66 21.00
C ASP A 58 15.45 14.79 22.52
N ARG A 59 15.48 16.02 23.02
CA ARG A 59 15.51 16.26 24.46
C ARG A 59 14.28 15.69 25.14
N LEU A 60 13.10 16.02 24.62
CA LEU A 60 11.87 15.53 25.19
C LEU A 60 11.81 14.01 25.19
N VAL A 61 12.32 13.37 24.13
CA VAL A 61 12.29 11.91 24.07
C VAL A 61 13.23 11.31 25.12
N ARG A 62 14.44 11.86 25.23
CA ARG A 62 15.40 11.36 26.20
C ARG A 62 14.89 11.57 27.63
N GLU A 63 14.38 12.77 27.92
CA GLU A 63 13.82 13.05 29.24
C GLU A 63 12.64 12.14 29.54
N HIS A 64 11.74 11.95 28.56
CA HIS A 64 10.61 11.05 28.74
C HIS A 64 11.08 9.64 29.05
N LYS A 65 12.08 9.16 28.29
CA LYS A 65 12.55 7.81 28.48
C LYS A 65 13.21 7.65 29.86
N GLU A 66 13.93 8.67 30.30
CA GLU A 66 14.60 8.60 31.60
C GLU A 66 13.57 8.58 32.72
N ARG A 67 12.60 9.50 32.68
CA ARG A 67 11.53 9.53 33.65
C ARG A 67 10.79 8.20 33.72
N ARG A 68 10.49 7.60 32.58
CA ARG A 68 9.80 6.32 32.57
C ARG A 68 10.65 5.24 33.21
N ASP A 69 11.94 5.21 32.87
CA ASP A 69 12.85 4.24 33.45
C ASP A 69 12.93 4.39 34.96
N LEU A 70 12.89 5.63 35.44
CA LEU A 70 13.00 5.96 36.86
C LEU A 70 11.69 5.75 37.62
N VAL A 71 10.68 5.18 36.96
CA VAL A 71 9.39 4.98 37.60
C VAL A 71 8.99 3.52 37.38
N LEU A 72 9.15 3.04 36.15
CA LEU A 72 8.74 1.69 35.80
C LEU A 72 9.89 0.70 35.77
N GLY A 73 11.12 1.16 35.58
CA GLY A 73 12.27 0.27 35.50
C GLY A 73 12.46 -0.31 34.11
N LEU A 82 8.70 1.53 20.92
CA LEU A 82 8.18 2.81 20.47
C LEU A 82 7.86 3.73 21.65
N SER A 83 8.65 4.78 21.84
CA SER A 83 8.35 5.76 22.86
C SER A 83 7.40 6.81 22.32
N VAL A 84 6.57 7.35 23.21
CA VAL A 84 5.52 8.27 22.83
C VAL A 84 5.51 9.36 23.88
N VAL A 85 5.85 10.58 23.49
CA VAL A 85 5.76 11.72 24.37
C VAL A 85 4.36 12.30 24.26
N LYS A 86 3.65 12.35 25.39
CA LYS A 86 2.27 12.76 25.41
C LYS A 86 2.16 14.27 25.23
N SER A 87 0.95 14.69 24.86
CA SER A 87 0.72 16.07 24.44
C SER A 87 1.14 17.07 25.51
N GLN A 88 0.74 16.85 26.77
CA GLN A 88 1.07 17.82 27.81
C GLN A 88 2.58 17.95 27.99
N ASP A 89 3.34 16.88 27.79
CA ASP A 89 4.78 16.96 27.94
C ASP A 89 5.42 17.72 26.78
N VAL A 90 4.96 17.46 25.55
CA VAL A 90 5.45 18.21 24.38
C VAL A 90 5.13 19.69 24.55
N GLU A 91 3.91 20.00 24.99
CA GLU A 91 3.47 21.39 25.15
C GLU A 91 4.40 22.22 26.04
N GLN A 92 5.16 21.58 26.92
CA GLN A 92 6.04 22.34 27.81
C GLN A 92 7.21 22.95 27.05
N SER A 93 7.53 22.45 25.86
CA SER A 93 8.60 23.04 25.04
C SER A 93 8.13 24.38 24.48
N ASP A 94 8.74 25.47 24.93
CA ASP A 94 8.39 26.78 24.38
C ASP A 94 8.65 26.84 22.88
N LEU A 95 9.78 26.29 22.43
CA LEU A 95 10.10 26.34 21.01
C LEU A 95 9.04 25.60 20.18
N ILE A 96 8.70 24.38 20.58
CA ILE A 96 7.73 23.62 19.80
C ILE A 96 6.37 24.29 19.84
N ARG A 97 5.95 24.79 21.00
CA ARG A 97 4.69 25.52 21.08
C ARG A 97 4.70 26.76 20.19
N ALA A 98 5.83 27.46 20.14
CA ALA A 98 5.89 28.70 19.36
C ALA A 98 5.76 28.42 17.87
N VAL A 99 6.52 27.46 17.35
CA VAL A 99 6.51 27.26 15.90
C VAL A 99 5.18 26.65 15.44
N THR A 100 4.61 25.75 16.25
CA THR A 100 3.41 25.03 15.83
C THR A 100 2.12 25.80 16.08
N ARG A 101 2.15 26.89 16.83
CA ARG A 101 0.97 27.72 16.99
C ARG A 101 1.18 29.09 16.35
N SER A 102 2.24 29.25 15.57
CA SER A 102 2.55 30.53 14.97
C SER A 102 1.40 31.02 14.11
N GLU A 103 0.92 32.23 14.40
CA GLU A 103 -0.11 32.84 13.57
C GLU A 103 0.37 32.95 12.14
N VAL A 104 1.67 33.20 11.93
CA VAL A 104 2.21 33.30 10.59
C VAL A 104 2.09 31.95 9.85
N LEU A 105 2.56 30.87 10.49
CA LEU A 105 2.53 29.56 9.83
C LEU A 105 1.11 29.10 9.59
N LEU A 106 0.23 29.29 10.57
CA LEU A 106 -1.15 28.84 10.45
C LEU A 106 -1.87 29.58 9.35
N THR A 107 -1.62 30.89 9.24
CA THR A 107 -2.32 31.67 8.24
C THR A 107 -1.84 31.29 6.84
N PHE A 108 -0.52 31.09 6.68
CA PHE A 108 0.03 30.59 5.43
C PHE A 108 -0.59 29.26 5.01
N LEU A 109 -0.61 28.29 5.94
CA LEU A 109 -1.15 26.97 5.61
C LEU A 109 -2.64 27.02 5.29
N ALA A 110 -3.39 27.96 5.88
CA ALA A 110 -4.80 28.09 5.54
C ALA A 110 -5.01 28.43 4.07
N GLY A 111 -4.00 29.02 3.41
CA GLY A 111 -4.06 29.21 1.97
C GLY A 111 -4.01 27.90 1.21
N ILE A 112 -3.42 26.86 1.80
CA ILE A 112 -3.33 25.55 1.17
C ILE A 112 -4.57 24.70 1.50
N THR A 113 -5.03 24.74 2.75
CA THR A 113 -6.29 24.09 3.11
C THR A 113 -7.49 24.79 2.49
N ARG A 114 -7.36 26.07 2.14
CA ARG A 114 -8.45 26.91 1.64
C ARG A 114 -9.59 27.03 2.65
N GLU A 115 -9.25 26.98 3.92
CA GLU A 115 -10.25 27.16 4.97
C GLU A 115 -9.51 27.44 6.27
N ARG A 116 -10.22 28.00 7.23
CA ARG A 116 -9.63 28.37 8.51
C ARG A 116 -9.07 27.14 9.23
N ILE A 117 -7.88 27.30 9.80
CA ILE A 117 -7.28 26.30 10.66
C ILE A 117 -7.46 26.77 12.10
N ILE A 118 -8.05 25.92 12.92
CA ILE A 118 -8.29 26.21 14.33
C ILE A 118 -7.30 25.37 15.13
N PRO A 119 -6.32 25.98 15.79
CA PRO A 119 -5.27 25.19 16.44
C PRO A 119 -5.72 24.65 17.78
N GLU A 120 -6.99 24.27 17.85
CA GLU A 120 -7.59 23.74 19.05
C GLU A 120 -8.07 22.33 18.77
N VAL A 121 -7.79 21.45 19.71
CA VAL A 121 -8.20 20.05 19.70
C VAL A 121 -8.38 19.71 21.17
N SER A 122 -9.10 18.62 21.45
CA SER A 122 -9.12 18.09 22.81
C SER A 122 -7.70 17.93 23.33
N ASP A 123 -7.41 18.59 24.46
CA ASP A 123 -6.05 18.81 24.95
C ASP A 123 -5.14 17.58 24.83
N ASP A 124 -5.67 16.38 25.10
CA ASP A 124 -4.85 15.18 25.11
C ASP A 124 -4.28 14.83 23.74
N GLU A 125 -4.68 15.52 22.67
CA GLU A 125 -4.17 15.16 21.36
C GLU A 125 -3.79 16.39 20.54
N ARG A 126 -3.34 17.46 21.20
CA ARG A 126 -2.79 18.58 20.47
C ARG A 126 -1.48 18.19 19.78
N TYR A 127 -0.58 17.56 20.54
CA TYR A 127 0.79 17.29 20.14
C TYR A 127 1.12 15.84 20.43
N LEU A 128 2.12 15.34 19.71
CA LEU A 128 2.60 14.00 19.97
C LEU A 128 3.99 13.91 19.39
N ILE A 129 4.90 13.25 20.10
CA ILE A 129 6.19 12.85 19.55
C ILE A 129 6.28 11.34 19.67
N THR A 130 6.51 10.67 18.55
CA THR A 130 6.77 9.25 18.54
C THR A 130 8.24 9.05 18.19
N HIS A 131 8.86 8.07 18.83
CA HIS A 131 10.24 7.73 18.53
C HIS A 131 10.33 6.21 18.46
N GLN A 132 10.69 5.68 17.30
CA GLN A 132 10.73 4.25 17.04
C GLN A 132 12.15 3.82 16.76
N GLU A 133 12.60 2.77 17.44
CA GLU A 133 13.95 2.26 17.28
C GLU A 133 14.02 0.79 16.95
N PHE A 134 12.91 0.06 16.99
CA PHE A 134 12.88 -1.35 16.67
C PHE A 134 11.79 -1.62 15.64
N ALA A 135 11.96 -2.69 14.88
CA ALA A 135 10.92 -3.10 13.94
C ALA A 135 9.63 -3.41 14.67
N SER A 136 8.52 -2.86 14.19
CA SER A 136 7.23 -3.05 14.86
C SER A 136 6.08 -3.10 13.87
N GLY A 140 -0.80 1.35 11.91
CA GLY A 140 -1.82 0.76 11.07
C GLY A 140 -2.75 1.78 10.40
N TRP A 141 -3.61 1.29 9.52
CA TRP A 141 -4.49 2.15 8.73
C TRP A 141 -5.51 2.83 9.63
N HIS A 142 -5.67 4.13 9.51
CA HIS A 142 -6.66 4.80 10.33
C HIS A 142 -7.06 6.12 9.70
N TRP A 143 -8.10 6.73 10.27
CA TRP A 143 -8.46 8.11 10.06
C TRP A 143 -8.37 8.80 11.40
N ASP A 144 -8.26 10.12 11.38
N ASP A 144 -8.27 10.13 11.36
CA ASP A 144 -8.34 10.82 12.64
CA ASP A 144 -8.22 10.96 12.56
C ASP A 144 -9.67 11.53 12.76
C ASP A 144 -9.55 11.71 12.71
N ASP A 145 -9.89 12.08 13.96
CA ASP A 145 -11.12 12.79 14.29
C ASP A 145 -11.04 14.27 13.95
N TYR A 146 -9.91 14.75 13.50
CA TYR A 146 -9.77 16.14 13.16
C TYR A 146 -9.30 16.23 11.72
N SER A 147 -9.53 17.40 11.14
CA SER A 147 -9.36 17.58 9.71
C SER A 147 -7.89 17.61 9.31
N PHE A 148 -6.99 18.07 10.18
CA PHE A 148 -5.62 18.35 9.75
C PHE A 148 -4.60 17.75 10.68
N ALA A 149 -3.54 17.21 10.09
CA ALA A 149 -2.36 16.79 10.83
C ALA A 149 -1.17 17.47 10.17
N PHE A 150 -0.35 18.14 10.96
CA PHE A 150 0.87 18.79 10.48
C PHE A 150 2.05 18.10 11.14
N ASN A 151 2.80 17.36 10.34
CA ASN A 151 3.76 16.39 10.85
C ASN A 151 5.17 16.78 10.48
N TRP A 152 6.07 16.64 11.45
CA TRP A 152 7.48 16.95 11.27
C TRP A 152 8.22 15.63 11.28
N ALA A 153 8.72 15.20 10.11
CA ALA A 153 9.48 13.96 10.03
C ALA A 153 10.93 14.27 10.41
N LEU A 154 11.13 14.49 11.72
CA LEU A 154 12.40 15.02 12.23
C LEU A 154 13.57 14.06 11.98
N ARG A 155 13.35 12.77 12.19
CA ARG A 155 14.34 11.74 11.86
C ARG A 155 13.66 10.61 11.10
N MET A 156 14.19 10.28 9.93
N MET A 156 14.21 10.26 9.95
CA MET A 156 13.61 9.23 9.11
CA MET A 156 13.60 9.22 9.14
C MET A 156 14.68 8.22 8.71
C MET A 156 14.65 8.23 8.67
N PRO A 157 14.37 6.94 8.75
CA PRO A 157 15.32 5.93 8.24
C PRO A 157 15.32 5.93 6.72
N PRO A 158 16.28 5.24 6.10
CA PRO A 158 16.23 5.06 4.65
C PRO A 158 14.86 4.56 4.21
N ILE A 159 14.47 4.98 3.01
CA ILE A 159 13.22 4.48 2.41
C ILE A 159 13.20 2.96 2.42
N ALA A 160 14.37 2.35 2.12
CA ALA A 160 14.46 0.90 2.10
C ALA A 160 14.13 0.26 3.45
N SER A 161 14.25 0.99 4.55
CA SER A 161 13.90 0.43 5.85
C SER A 161 12.42 0.59 6.20
N GLY A 162 11.63 1.19 5.32
CA GLY A 162 10.24 1.48 5.65
C GLY A 162 10.05 2.89 6.13
N GLY A 163 8.94 3.10 6.83
CA GLY A 163 8.69 4.37 7.45
C GLY A 163 8.03 5.40 6.57
N MET A 164 7.76 5.06 5.31
N MET A 164 7.76 5.07 5.31
CA MET A 164 6.99 5.92 4.40
CA MET A 164 7.02 5.98 4.44
C MET A 164 5.62 6.19 5.02
C MET A 164 5.62 6.19 5.02
N VAL A 165 4.92 7.17 4.44
CA VAL A 165 3.52 7.39 4.78
C VAL A 165 2.70 6.90 3.59
N GLN A 166 1.62 6.18 3.85
CA GLN A 166 0.69 5.82 2.80
C GLN A 166 -0.67 6.46 3.05
N ALA A 167 -1.37 6.75 1.97
CA ALA A 167 -2.57 7.57 2.03
C ALA A 167 -3.57 7.11 0.99
N VAL A 168 -4.84 7.13 1.37
CA VAL A 168 -5.93 6.89 0.45
C VAL A 168 -6.91 8.05 0.61
N PRO A 169 -6.86 9.08 -0.23
CA PRO A 169 -7.71 10.25 -0.03
C PRO A 169 -9.15 9.97 -0.45
N HIS A 170 -10.03 10.91 -0.08
CA HIS A 170 -11.44 10.88 -0.46
C HIS A 170 -12.11 9.61 0.07
N THR A 171 -11.87 9.32 1.35
CA THR A 171 -12.53 8.23 2.06
C THR A 171 -13.15 8.82 3.33
N HIS A 172 -13.71 7.96 4.18
CA HIS A 172 -14.35 8.42 5.40
C HIS A 172 -14.35 7.28 6.40
N TRP A 173 -14.39 7.66 7.67
CA TRP A 173 -14.33 6.71 8.78
C TRP A 173 -15.76 6.40 9.18
N ASP A 174 -16.22 5.22 8.83
CA ASP A 174 -17.50 4.70 9.35
C ASP A 174 -17.16 4.01 10.67
N LYS A 175 -17.44 4.69 11.79
CA LYS A 175 -17.04 4.13 13.09
C LYS A 175 -17.74 2.82 13.40
N ASN A 176 -18.88 2.55 12.79
CA ASN A 176 -19.57 1.28 13.01
C ASN A 176 -19.00 0.16 12.14
N ALA A 177 -18.48 0.49 10.96
CA ALA A 177 -17.88 -0.50 10.07
C ALA A 177 -16.77 0.16 9.28
N PRO A 178 -15.56 0.22 9.85
CA PRO A 178 -14.46 0.97 9.20
C PRO A 178 -14.06 0.41 7.84
N ARG A 179 -14.18 -0.91 7.66
CA ARG A 179 -14.00 -1.54 6.35
C ARG A 179 -12.70 -1.08 5.68
N ILE A 180 -11.60 -1.16 6.43
CA ILE A 180 -10.31 -0.72 5.87
C ILE A 180 -9.97 -1.51 4.62
N ASN A 181 -10.04 -2.85 4.69
CA ASN A 181 -9.56 -3.63 3.55
C ASN A 181 -10.50 -3.53 2.36
N GLU A 182 -11.80 -3.37 2.59
CA GLU A 182 -12.71 -3.14 1.48
C GLU A 182 -12.46 -1.79 0.81
N THR A 183 -12.10 -0.78 1.61
CA THR A 183 -11.72 0.52 1.06
C THR A 183 -10.50 0.38 0.15
N LEU A 184 -9.49 -0.38 0.60
CA LEU A 184 -8.31 -0.61 -0.23
C LEU A 184 -8.69 -1.28 -1.54
N CYS A 185 -9.70 -2.16 -1.53
CA CYS A 185 -10.07 -2.83 -2.78
C CYS A 185 -10.76 -1.89 -3.75
N GLU A 186 -11.28 -0.78 -3.27
CA GLU A 186 -11.98 0.14 -4.15
C GLU A 186 -11.10 1.30 -4.61
N ARG A 187 -9.95 1.51 -4.00
CA ARG A 187 -9.16 2.70 -4.22
CA ARG A 187 -9.16 2.71 -4.22
C ARG A 187 -7.70 2.34 -4.49
N GLN A 188 -6.92 3.36 -4.86
CA GLN A 188 -5.48 3.17 -5.03
C GLN A 188 -4.77 3.79 -3.83
N ILE A 189 -3.65 3.19 -3.44
CA ILE A 189 -2.83 3.71 -2.33
C ILE A 189 -1.72 4.59 -2.88
N ASP A 190 -1.55 5.77 -2.30
CA ASP A 190 -0.38 6.62 -2.52
C ASP A 190 0.64 6.39 -1.42
N THR A 191 1.92 6.40 -1.79
CA THR A 191 3.03 6.21 -0.87
C THR A 191 3.98 7.38 -1.00
N TYR A 192 4.37 7.95 0.14
CA TYR A 192 5.24 9.11 0.17
C TYR A 192 6.50 8.76 0.95
N GLY A 193 7.66 8.90 0.31
CA GLY A 193 8.91 8.78 1.02
C GLY A 193 9.24 10.08 1.73
N LEU A 194 9.84 9.95 2.91
CA LEU A 194 10.26 11.10 3.70
C LEU A 194 11.73 10.96 4.03
N VAL A 195 12.42 12.10 4.11
CA VAL A 195 13.76 12.11 4.69
C VAL A 195 13.74 13.05 5.89
N SER A 196 14.71 12.88 6.78
CA SER A 196 14.79 13.72 7.98
C SER A 196 14.68 15.18 7.61
N GLY A 197 13.83 15.90 8.34
CA GLY A 197 13.62 17.31 8.12
C GLY A 197 12.45 17.67 7.23
N ASP A 198 11.89 16.70 6.50
CA ASP A 198 10.65 16.93 5.75
C ASP A 198 9.47 17.19 6.70
N LEU A 199 8.59 18.11 6.31
CA LEU A 199 7.30 18.33 6.97
C LEU A 199 6.17 17.94 6.02
N TYR A 200 4.99 17.63 6.55
CA TYR A 200 3.87 17.41 5.64
C TYR A 200 2.56 17.78 6.33
N LEU A 201 1.61 18.19 5.50
CA LEU A 201 0.25 18.52 5.91
C LEU A 201 -0.68 17.45 5.35
N LEU A 202 -1.55 16.92 6.20
CA LEU A 202 -2.39 15.79 5.84
C LEU A 202 -3.83 16.12 6.17
N ARG A 203 -4.74 15.81 5.25
CA ARG A 203 -6.18 15.96 5.49
C ARG A 203 -6.61 14.67 6.17
N SER A 204 -6.52 14.65 7.50
CA SER A 204 -6.49 13.40 8.24
C SER A 204 -7.86 12.78 8.48
N ASP A 205 -8.96 13.52 8.28
CA ASP A 205 -10.28 12.93 8.46
C ASP A 205 -10.82 12.22 7.21
N THR A 206 -10.40 12.62 6.00
CA THR A 206 -10.86 11.95 4.78
C THR A 206 -9.75 11.20 4.04
N THR A 207 -8.55 11.16 4.58
CA THR A 207 -7.46 10.40 3.98
C THR A 207 -7.14 9.26 4.93
N MET A 208 -7.48 8.05 4.51
CA MET A 208 -7.09 6.90 5.32
C MET A 208 -5.57 6.81 5.22
N HIS A 209 -4.87 6.68 6.35
CA HIS A 209 -3.42 6.79 6.28
C HIS A 209 -2.76 5.84 7.27
N ARG A 210 -1.49 5.54 7.02
CA ARG A 210 -0.72 4.74 7.96
C ARG A 210 0.76 5.06 7.77
N THR A 211 1.56 4.67 8.76
CA THR A 211 3.00 4.63 8.60
C THR A 211 3.39 3.24 8.13
N VAL A 212 4.29 3.19 7.17
CA VAL A 212 4.77 1.89 6.68
C VAL A 212 5.67 1.27 7.75
N PRO A 213 5.46 0.01 8.11
CA PRO A 213 6.24 -0.58 9.21
C PRO A 213 7.74 -0.55 8.92
N LEU A 214 8.51 -0.29 9.96
CA LEU A 214 9.96 -0.42 9.83
C LEU A 214 10.30 -1.90 9.83
N THR A 215 11.22 -2.30 8.95
CA THR A 215 11.56 -3.72 8.75
C THR A 215 13.00 -4.00 9.13
N GLU A 216 13.55 -3.22 10.06
CA GLU A 216 14.95 -3.38 10.45
C GLU A 216 15.13 -2.69 11.79
N ASP A 217 15.62 -3.41 12.79
CA ASP A 217 16.01 -2.77 14.04
C ASP A 217 17.14 -1.77 13.76
N GLY A 218 17.24 -0.75 14.61
CA GLY A 218 18.26 0.26 14.43
C GLY A 218 17.92 1.33 13.41
N ALA A 219 16.84 1.18 12.67
CA ALA A 219 16.30 2.28 11.88
C ALA A 219 15.51 3.19 12.80
N VAL A 220 15.91 4.44 12.91
CA VAL A 220 15.32 5.35 13.90
C VAL A 220 14.35 6.30 13.21
N ARG A 221 13.15 6.45 13.78
CA ARG A 221 12.10 7.29 13.22
C ARG A 221 11.51 8.17 14.31
N THR A 222 11.70 9.49 14.20
CA THR A 222 11.21 10.42 15.21
C THR A 222 10.26 11.39 14.54
N MET A 223 9.03 11.43 15.01
CA MET A 223 8.01 12.25 14.37
C MET A 223 7.40 13.19 15.40
N LEU A 224 7.20 14.47 15.03
CA LEU A 224 6.39 15.39 15.82
C LEU A 224 5.05 15.56 15.10
N VAL A 225 3.96 15.20 15.77
CA VAL A 225 2.64 15.23 15.16
C VAL A 225 1.82 16.30 15.85
N VAL A 226 1.20 17.17 15.05
CA VAL A 226 0.38 18.26 15.55
C VAL A 226 -1.00 18.10 14.91
N SER A 227 -2.06 18.14 15.72
CA SER A 227 -3.43 18.02 15.22
C SER A 227 -4.12 19.37 15.27
N TRP A 228 -4.80 19.74 14.18
CA TRP A 228 -5.59 20.96 14.15
C TRP A 228 -7.01 20.68 13.65
N SER A 229 -7.95 21.53 14.06
CA SER A 229 -9.33 21.40 13.63
C SER A 229 -9.64 22.31 12.47
N ALA A 230 -10.71 21.99 11.76
CA ALA A 230 -11.38 22.89 10.84
C ALA A 230 -12.76 23.20 11.40
N GLU A 231 -13.49 24.08 10.73
CA GLU A 231 -14.84 24.43 11.19
C GLU A 231 -15.72 23.19 11.30
N ARG A 232 -15.58 22.21 10.38
CA ARG A 232 -16.41 21.00 10.46
C ARG A 232 -16.20 20.24 11.76
N ASP A 233 -15.00 20.30 12.34
CA ASP A 233 -14.76 19.54 13.54
C ASP A 233 -15.38 20.20 14.76
N LEU A 234 -15.44 21.52 14.79
CA LEU A 234 -16.18 22.20 15.85
C LEU A 234 -17.65 21.84 15.76
N GLY A 235 -18.24 21.96 14.56
CA GLY A 235 -19.64 21.61 14.38
C GLY A 235 -19.94 20.16 14.74
N LYS A 236 -19.08 19.23 14.33
CA LYS A 236 -19.30 17.83 14.63
C LYS A 236 -19.44 17.59 16.13
N VAL A 237 -18.58 18.21 16.94
CA VAL A 237 -18.67 18.07 18.39
C VAL A 237 -20.00 18.63 18.89
N LEU A 238 -20.41 19.80 18.37
CA LEU A 238 -21.64 20.44 18.79
C LEU A 238 -22.90 19.69 18.33
N THR A 239 -22.77 18.72 17.43
CA THR A 239 -23.95 17.99 16.94
C THR A 239 -23.63 16.52 16.62
N ASP B 2 -14.25 -38.03 -16.52
CA ASP B 2 -14.36 -36.63 -16.91
C ASP B 2 -13.11 -36.16 -17.66
N VAL B 3 -12.05 -36.97 -17.58
CA VAL B 3 -10.78 -36.58 -18.17
C VAL B 3 -10.83 -36.67 -19.68
N HIS B 4 -10.07 -35.78 -20.34
CA HIS B 4 -9.92 -35.67 -21.79
C HIS B 4 -11.11 -34.97 -22.45
N GLU B 5 -12.28 -35.00 -21.81
CA GLU B 5 -13.42 -34.21 -22.26
C GLU B 5 -13.36 -32.77 -21.78
N ILE B 6 -12.33 -32.44 -21.00
CA ILE B 6 -12.17 -31.09 -20.46
C ILE B 6 -12.12 -30.08 -21.60
N ASP B 7 -11.38 -30.39 -22.67
CA ASP B 7 -11.26 -29.48 -23.79
C ASP B 7 -12.62 -29.06 -24.34
N GLU B 8 -13.43 -30.04 -24.74
CA GLU B 8 -14.75 -29.71 -25.27
C GLU B 8 -15.60 -28.99 -24.23
N THR B 9 -15.48 -29.38 -22.97
CA THR B 9 -16.24 -28.72 -21.91
C THR B 9 -15.87 -27.24 -21.80
N LEU B 10 -14.59 -26.91 -21.96
CA LEU B 10 -14.23 -25.50 -21.85
C LEU B 10 -14.53 -24.75 -23.15
N GLU B 11 -14.33 -25.40 -24.30
CA GLU B 11 -14.60 -24.74 -25.56
C GLU B 11 -16.06 -24.33 -25.65
N LYS B 12 -16.96 -25.19 -25.15
CA LYS B 12 -18.38 -24.84 -25.13
C LYS B 12 -18.64 -23.72 -24.15
N PHE B 13 -18.10 -23.83 -22.92
CA PHE B 13 -18.34 -22.84 -21.89
C PHE B 13 -17.84 -21.46 -22.32
N LEU B 14 -16.65 -21.39 -22.91
CA LEU B 14 -16.09 -20.11 -23.35
C LEU B 14 -16.85 -19.53 -24.52
N ALA B 15 -17.21 -20.38 -25.50
CA ALA B 15 -17.91 -19.89 -26.67
C ALA B 15 -19.29 -19.36 -26.33
N GLU B 16 -19.94 -19.90 -25.30
CA GLU B 16 -21.25 -19.41 -24.91
C GLU B 16 -21.19 -18.12 -24.11
N ASN B 17 -20.08 -17.86 -23.42
CA ASN B 17 -20.01 -16.75 -22.49
C ASN B 17 -19.16 -15.57 -22.95
N TYR B 18 -18.43 -15.67 -24.06
CA TYR B 18 -17.51 -14.61 -24.44
C TYR B 18 -17.67 -14.26 -25.91
N THR B 19 -17.90 -12.99 -26.18
CA THR B 19 -17.77 -12.49 -27.55
C THR B 19 -16.34 -12.06 -27.79
N PRO B 20 -15.90 -11.97 -29.04
CA PRO B 20 -14.55 -11.41 -29.28
C PRO B 20 -14.39 -10.00 -28.75
N GLU B 21 -15.44 -9.18 -28.83
CA GLU B 21 -15.37 -7.84 -28.28
C GLU B 21 -15.15 -7.86 -26.76
N ARG B 22 -15.84 -8.75 -26.05
CA ARG B 22 -15.62 -8.85 -24.61
C ARG B 22 -14.18 -9.20 -24.31
N VAL B 23 -13.60 -10.11 -25.10
CA VAL B 23 -12.22 -10.51 -24.88
C VAL B 23 -11.28 -9.32 -25.10
N GLN B 24 -11.59 -8.49 -26.10
CA GLN B 24 -10.73 -7.35 -26.36
C GLN B 24 -10.82 -6.29 -25.25
N GLN B 25 -11.98 -6.15 -24.60
CA GLN B 25 -12.06 -5.27 -23.42
C GLN B 25 -11.20 -5.81 -22.28
N LEU B 26 -11.15 -7.13 -22.09
CA LEU B 26 -10.30 -7.70 -21.06
C LEU B 26 -8.83 -7.52 -21.41
N ALA B 27 -8.51 -7.65 -22.70
CA ALA B 27 -7.15 -7.37 -23.17
C ALA B 27 -6.73 -5.94 -22.82
N ASP B 28 -7.62 -4.98 -23.04
CA ASP B 28 -7.34 -3.59 -22.67
C ASP B 28 -7.09 -3.46 -21.19
N ARG B 29 -7.92 -4.11 -20.37
CA ARG B 29 -7.74 -4.07 -18.93
C ARG B 29 -6.44 -4.75 -18.54
N PHE B 30 -6.13 -5.91 -19.15
CA PHE B 30 -4.89 -6.61 -18.82
C PHE B 30 -3.65 -5.79 -19.13
N GLN B 31 -3.63 -5.11 -20.30
CA GLN B 31 -2.51 -4.24 -20.62
C GLN B 31 -2.44 -3.05 -19.66
N ARG B 32 -3.58 -2.49 -19.28
CA ARG B 32 -3.56 -1.29 -18.45
C ARG B 32 -3.13 -1.60 -17.01
N THR B 33 -3.59 -2.73 -16.47
CA THR B 33 -3.48 -3.02 -15.05
C THR B 33 -2.56 -4.19 -14.72
N GLY B 34 -2.19 -5.00 -15.70
CA GLY B 34 -1.47 -6.23 -15.39
C GLY B 34 -2.31 -7.32 -14.77
N PHE B 35 -3.63 -7.16 -14.71
CA PHE B 35 -4.44 -8.03 -13.87
C PHE B 35 -5.85 -8.15 -14.41
N VAL B 36 -6.31 -9.39 -14.62
CA VAL B 36 -7.72 -9.63 -14.94
C VAL B 36 -8.25 -10.67 -13.96
N LYS B 37 -9.36 -10.34 -13.28
CA LYS B 37 -9.98 -11.21 -12.31
C LYS B 37 -11.16 -11.93 -12.96
N PHE B 38 -11.23 -13.24 -12.77
CA PHE B 38 -12.33 -14.06 -13.25
C PHE B 38 -13.13 -14.48 -12.03
N ASP B 39 -14.10 -13.66 -11.67
CA ASP B 39 -14.93 -13.93 -10.51
C ASP B 39 -16.29 -14.48 -10.98
N SER B 40 -17.29 -14.49 -10.09
CA SER B 40 -18.58 -15.07 -10.44
C SER B 40 -19.25 -14.33 -11.58
N HIS B 41 -18.87 -13.09 -11.86
CA HIS B 41 -19.46 -12.34 -12.96
C HIS B 41 -18.69 -12.49 -14.25
N MET B 42 -17.55 -13.18 -14.23
CA MET B 42 -16.72 -13.32 -15.40
C MET B 42 -16.01 -14.66 -15.29
N ARG B 43 -16.79 -15.74 -15.30
CA ARG B 43 -16.22 -17.06 -15.13
C ARG B 43 -15.45 -17.43 -16.39
N ILE B 44 -14.37 -18.19 -16.19
CA ILE B 44 -13.54 -18.66 -17.29
C ILE B 44 -13.55 -20.17 -17.29
N VAL B 45 -13.68 -20.76 -16.10
CA VAL B 45 -13.69 -22.20 -15.92
C VAL B 45 -14.99 -22.56 -15.19
N PRO B 46 -15.76 -23.53 -15.67
CA PRO B 46 -17.06 -23.82 -15.05
C PRO B 46 -16.89 -24.25 -13.61
N GLU B 47 -17.96 -24.09 -12.83
CA GLU B 47 -17.88 -24.26 -11.39
C GLU B 47 -17.48 -25.68 -11.00
N GLU B 48 -17.99 -26.68 -11.74
CA GLU B 48 -17.71 -28.06 -11.38
C GLU B 48 -16.22 -28.36 -11.43
N LEU B 49 -15.51 -27.79 -12.42
CA LEU B 49 -14.07 -28.02 -12.51
C LEU B 49 -13.30 -27.29 -11.42
N ILE B 50 -13.79 -26.15 -10.95
CA ILE B 50 -13.11 -25.47 -9.85
C ILE B 50 -13.24 -26.28 -8.57
N THR B 51 -14.45 -26.76 -8.27
CA THR B 51 -14.60 -27.63 -7.10
C THR B 51 -13.68 -28.83 -7.18
N ALA B 52 -13.52 -29.38 -8.39
CA ALA B 52 -12.65 -30.54 -8.58
C ALA B 52 -11.19 -30.17 -8.33
N VAL B 53 -10.75 -29.04 -8.91
CA VAL B 53 -9.36 -28.61 -8.72
C VAL B 53 -9.12 -28.30 -7.26
N ARG B 54 -10.10 -27.68 -6.60
CA ARG B 54 -10.00 -27.45 -5.16
C ARG B 54 -9.80 -28.77 -4.43
N ALA B 55 -10.65 -29.75 -4.74
CA ALA B 55 -10.54 -31.06 -4.09
C ALA B 55 -9.14 -31.63 -4.25
N GLU B 56 -8.59 -31.55 -5.46
CA GLU B 56 -7.23 -32.03 -5.69
C GLU B 56 -6.20 -31.25 -4.89
N ALA B 57 -6.43 -29.95 -4.72
CA ALA B 57 -5.43 -29.12 -4.05
C ALA B 57 -5.44 -29.36 -2.54
N ASP B 58 -6.61 -29.48 -1.94
CA ASP B 58 -6.66 -29.78 -0.51
C ASP B 58 -6.03 -31.13 -0.22
N ARG B 59 -6.14 -32.09 -1.15
CA ARG B 59 -5.50 -33.38 -0.98
C ARG B 59 -3.98 -33.23 -1.01
N LEU B 60 -3.46 -32.49 -2.00
CA LEU B 60 -2.02 -32.27 -2.07
C LEU B 60 -1.52 -31.41 -0.90
N VAL B 61 -2.40 -30.58 -0.32
CA VAL B 61 -2.00 -29.78 0.84
C VAL B 61 -1.81 -30.68 2.05
N ARG B 62 -2.64 -31.72 2.19
CA ARG B 62 -2.52 -32.64 3.31
C ARG B 62 -1.15 -33.33 3.35
N GLU B 63 -0.33 -33.19 2.29
CA GLU B 63 1.05 -33.70 2.25
C GLU B 63 1.92 -32.60 1.65
N HIS B 64 2.02 -31.48 2.38
CA HIS B 64 2.72 -30.27 1.93
C HIS B 64 4.15 -30.53 1.49
N SER B 83 2.72 -23.49 4.91
CA SER B 83 2.74 -24.62 3.98
C SER B 83 2.84 -24.18 2.52
N VAL B 84 3.54 -25.00 1.74
CA VAL B 84 3.77 -24.77 0.31
C VAL B 84 4.00 -26.13 -0.34
N VAL B 85 3.28 -26.41 -1.43
CA VAL B 85 3.45 -27.64 -2.18
C VAL B 85 4.27 -27.33 -3.42
N LYS B 86 5.46 -27.95 -3.52
CA LYS B 86 6.38 -27.66 -4.60
C LYS B 86 5.88 -28.21 -5.94
N SER B 87 6.47 -27.70 -7.02
CA SER B 87 5.92 -27.91 -8.35
C SER B 87 5.80 -29.39 -8.71
N GLN B 88 6.87 -30.16 -8.50
CA GLN B 88 6.86 -31.55 -8.94
C GLN B 88 5.77 -32.35 -8.23
N ASP B 89 5.46 -31.99 -6.99
CA ASP B 89 4.35 -32.64 -6.29
C ASP B 89 3.01 -32.26 -6.91
N VAL B 90 2.82 -30.96 -7.18
CA VAL B 90 1.57 -30.52 -7.80
C VAL B 90 1.40 -31.19 -9.15
N GLU B 91 2.50 -31.34 -9.90
CA GLU B 91 2.43 -31.93 -11.23
C GLU B 91 1.88 -33.35 -11.21
N GLN B 92 1.85 -34.00 -10.03
CA GLN B 92 1.35 -35.36 -9.94
C GLN B 92 -0.16 -35.44 -10.16
N SER B 93 -0.89 -34.33 -10.04
CA SER B 93 -2.33 -34.32 -10.27
C SER B 93 -2.62 -34.27 -11.77
N ASP B 94 -3.34 -35.27 -12.26
CA ASP B 94 -3.64 -35.32 -13.69
C ASP B 94 -4.67 -34.26 -14.09
N LEU B 95 -5.63 -33.96 -13.22
CA LEU B 95 -6.63 -32.95 -13.54
C LEU B 95 -6.00 -31.57 -13.67
N ILE B 96 -5.17 -31.18 -12.70
CA ILE B 96 -4.51 -29.88 -12.75
C ILE B 96 -3.68 -29.74 -14.02
N ARG B 97 -2.92 -30.78 -14.38
CA ARG B 97 -2.13 -30.70 -15.60
C ARG B 97 -3.01 -30.53 -16.82
N ALA B 98 -4.13 -31.26 -16.87
CA ALA B 98 -5.02 -31.16 -18.02
C ALA B 98 -5.62 -29.76 -18.16
N VAL B 99 -6.09 -29.18 -17.05
CA VAL B 99 -6.72 -27.87 -17.14
C VAL B 99 -5.69 -26.78 -17.41
N THR B 100 -4.61 -26.76 -16.63
CA THR B 100 -3.61 -25.69 -16.74
C THR B 100 -2.76 -25.79 -18.01
N ARG B 101 -2.90 -26.84 -18.80
CA ARG B 101 -2.26 -26.89 -20.12
C ARG B 101 -3.27 -27.03 -21.24
N SER B 102 -4.55 -26.84 -20.96
CA SER B 102 -5.57 -27.03 -21.98
C SER B 102 -5.35 -26.06 -23.14
N GLU B 103 -5.23 -26.62 -24.35
CA GLU B 103 -5.02 -25.76 -25.51
C GLU B 103 -6.20 -24.81 -25.71
N VAL B 104 -7.40 -25.22 -25.29
CA VAL B 104 -8.55 -24.33 -25.40
C VAL B 104 -8.38 -23.13 -24.48
N LEU B 105 -8.01 -23.37 -23.23
CA LEU B 105 -7.81 -22.28 -22.27
C LEU B 105 -6.66 -21.37 -22.67
N LEU B 106 -5.55 -21.95 -23.13
CA LEU B 106 -4.38 -21.14 -23.46
C LEU B 106 -4.67 -20.28 -24.68
N THR B 107 -5.35 -20.85 -25.66
CA THR B 107 -5.71 -20.07 -26.84
C THR B 107 -6.67 -18.96 -26.50
N PHE B 108 -7.63 -19.24 -25.62
CA PHE B 108 -8.57 -18.20 -25.22
C PHE B 108 -7.84 -17.06 -24.51
N LEU B 109 -6.97 -17.40 -23.56
CA LEU B 109 -6.27 -16.39 -22.76
C LEU B 109 -5.30 -15.58 -23.60
N ALA B 110 -4.80 -16.14 -24.70
CA ALA B 110 -3.94 -15.37 -25.58
C ALA B 110 -4.70 -14.23 -26.26
N GLY B 111 -6.03 -14.29 -26.32
CA GLY B 111 -6.78 -13.12 -26.71
C GLY B 111 -6.66 -11.99 -25.72
N ILE B 112 -6.44 -12.32 -24.45
CA ILE B 112 -6.29 -11.30 -23.41
C ILE B 112 -4.86 -10.79 -23.35
N THR B 113 -3.88 -11.70 -23.44
CA THR B 113 -2.48 -11.28 -23.45
C THR B 113 -2.08 -10.64 -24.76
N ARG B 114 -2.83 -10.91 -25.84
CA ARG B 114 -2.50 -10.45 -27.18
C ARG B 114 -1.11 -10.95 -27.63
N GLU B 115 -0.72 -12.12 -27.16
CA GLU B 115 0.52 -12.78 -27.59
C GLU B 115 0.47 -14.24 -27.22
N ARG B 116 1.27 -15.04 -27.92
CA ARG B 116 1.29 -16.47 -27.66
C ARG B 116 1.69 -16.74 -26.22
N ILE B 117 0.99 -17.67 -25.60
CA ILE B 117 1.33 -18.16 -24.28
C ILE B 117 2.07 -19.47 -24.46
N ILE B 118 3.14 -19.66 -23.70
CA ILE B 118 3.98 -20.86 -23.80
C ILE B 118 3.94 -21.53 -22.45
N PRO B 119 3.31 -22.71 -22.33
CA PRO B 119 3.17 -23.33 -21.00
C PRO B 119 4.43 -24.05 -20.55
N GLU B 120 5.59 -23.47 -20.86
CA GLU B 120 6.89 -24.03 -20.54
C GLU B 120 7.86 -22.92 -20.17
N ASP B 124 11.25 -26.61 -14.95
CA ASP B 124 11.07 -25.30 -14.32
C ASP B 124 10.01 -25.37 -13.23
N GLU B 125 9.83 -24.27 -12.50
CA GLU B 125 8.81 -24.17 -11.45
C GLU B 125 7.47 -23.85 -12.13
N ARG B 126 6.82 -24.91 -12.61
CA ARG B 126 5.61 -24.74 -13.39
C ARG B 126 4.38 -24.50 -12.51
N TYR B 127 4.36 -25.07 -11.31
CA TYR B 127 3.18 -25.03 -10.44
C TYR B 127 3.62 -24.70 -9.03
N LEU B 128 2.66 -24.29 -8.21
CA LEU B 128 2.94 -24.09 -6.81
C LEU B 128 1.60 -23.95 -6.10
N ILE B 129 1.52 -24.47 -4.87
CA ILE B 129 0.34 -24.27 -4.03
C ILE B 129 0.78 -23.58 -2.74
N THR B 130 0.41 -22.32 -2.57
CA THR B 130 0.61 -21.65 -1.29
C THR B 130 -0.55 -21.96 -0.38
N HIS B 131 -0.25 -21.99 0.92
CA HIS B 131 -1.28 -22.24 1.92
C HIS B 131 -0.94 -21.41 3.14
N GLN B 132 -1.73 -20.38 3.40
CA GLN B 132 -1.52 -19.47 4.51
C GLN B 132 -2.64 -19.65 5.53
N GLU B 133 -2.33 -19.43 6.81
CA GLU B 133 -3.32 -19.70 7.84
C GLU B 133 -3.11 -18.88 9.11
N PHE B 134 -1.86 -18.65 9.51
CA PHE B 134 -1.59 -17.92 10.74
C PHE B 134 -1.48 -16.43 10.46
N ALA B 135 -1.79 -15.63 11.49
CA ALA B 135 -1.74 -14.17 11.36
C ALA B 135 -0.35 -13.73 10.87
N SER B 136 -0.35 -12.66 10.07
CA SER B 136 0.81 -12.08 9.41
C SER B 136 1.34 -12.94 8.27
N ASP B 137 0.62 -13.97 7.85
CA ASP B 137 1.01 -14.73 6.67
C ASP B 137 1.03 -13.84 5.44
N THR B 138 2.14 -13.85 4.71
CA THR B 138 2.28 -13.01 3.54
C THR B 138 3.24 -13.63 2.54
N HIS B 139 3.00 -13.33 1.27
CA HIS B 139 3.95 -13.52 0.19
C HIS B 139 4.37 -12.13 -0.25
N GLY B 140 5.56 -11.68 0.21
CA GLY B 140 5.97 -10.29 0.12
C GLY B 140 6.15 -9.74 -1.28
N TRP B 141 6.50 -8.46 -1.41
CA TRP B 141 6.58 -7.80 -2.72
C TRP B 141 7.61 -8.48 -3.62
N HIS B 142 7.22 -8.79 -4.84
CA HIS B 142 8.20 -9.41 -5.73
C HIS B 142 7.73 -9.27 -7.17
N TRP B 143 8.64 -9.60 -8.08
CA TRP B 143 8.32 -9.86 -9.47
C TRP B 143 8.65 -11.31 -9.74
N ASP B 144 8.17 -11.80 -10.87
CA ASP B 144 8.56 -13.14 -11.28
C ASP B 144 9.42 -13.09 -12.52
N ASP B 145 10.08 -14.21 -12.79
CA ASP B 145 10.95 -14.27 -13.96
C ASP B 145 10.20 -14.63 -15.23
N TYR B 146 8.92 -14.96 -15.14
CA TYR B 146 8.10 -15.33 -16.29
C TYR B 146 7.00 -14.29 -16.51
N SER B 147 6.47 -14.24 -17.73
CA SER B 147 5.54 -13.16 -18.09
C SER B 147 4.17 -13.33 -17.47
N PHE B 148 3.71 -14.55 -17.26
CA PHE B 148 2.31 -14.75 -16.88
C PHE B 148 2.16 -15.61 -15.64
N ALA B 149 1.22 -15.23 -14.79
CA ALA B 149 0.81 -16.10 -13.70
C ALA B 149 -0.69 -16.29 -13.83
N PHE B 150 -1.13 -17.54 -13.84
CA PHE B 150 -2.55 -17.86 -13.88
C PHE B 150 -2.90 -18.54 -12.58
N ASN B 151 -3.59 -17.81 -11.71
CA ASN B 151 -3.77 -18.23 -10.33
C ASN B 151 -5.23 -18.55 -10.02
N TRP B 152 -5.41 -19.55 -9.17
CA TRP B 152 -6.72 -20.03 -8.73
C TRP B 152 -6.80 -19.76 -7.25
N ALA B 153 -7.71 -18.87 -6.84
CA ALA B 153 -7.89 -18.56 -5.42
C ALA B 153 -8.95 -19.52 -4.87
N LEU B 154 -8.53 -20.77 -4.70
CA LEU B 154 -9.46 -21.85 -4.36
C LEU B 154 -10.15 -21.61 -3.03
N ARG B 155 -9.41 -21.12 -2.03
CA ARG B 155 -10.01 -20.76 -0.74
C ARG B 155 -9.47 -19.41 -0.30
N MET B 156 -10.37 -18.51 0.12
CA MET B 156 -9.98 -17.17 0.53
C MET B 156 -10.75 -16.78 1.79
N PRO B 157 -10.08 -16.22 2.79
CA PRO B 157 -10.80 -15.71 3.97
C PRO B 157 -11.61 -14.47 3.60
N PRO B 158 -12.45 -13.97 4.51
CA PRO B 158 -13.12 -12.70 4.23
C PRO B 158 -12.12 -11.58 4.08
N ILE B 159 -12.51 -10.56 3.31
CA ILE B 159 -11.63 -9.44 2.99
C ILE B 159 -11.04 -8.83 4.25
N ALA B 160 -11.83 -8.73 5.32
CA ALA B 160 -11.34 -8.12 6.56
C ALA B 160 -10.24 -8.94 7.21
N SER B 161 -10.11 -10.23 6.88
CA SER B 161 -9.00 -11.01 7.39
C SER B 161 -7.71 -10.83 6.60
N GLY B 162 -7.75 -10.12 5.48
CA GLY B 162 -6.58 -9.98 4.63
C GLY B 162 -6.61 -10.94 3.45
N GLY B 163 -5.43 -11.12 2.85
CA GLY B 163 -5.28 -12.05 1.75
C GLY B 163 -5.53 -11.48 0.37
N MET B 164 -5.93 -10.21 0.25
CA MET B 164 -6.05 -9.57 -1.05
C MET B 164 -4.72 -9.62 -1.79
N VAL B 165 -4.77 -9.48 -3.11
CA VAL B 165 -3.56 -9.32 -3.91
C VAL B 165 -3.34 -7.83 -4.13
N GLN B 166 -2.08 -7.41 -4.08
CA GLN B 166 -1.72 -6.04 -4.41
C GLN B 166 -0.73 -6.05 -5.56
N ALA B 167 -0.81 -5.01 -6.39
CA ALA B 167 -0.19 -5.02 -7.71
C ALA B 167 0.27 -3.61 -8.04
N VAL B 168 1.48 -3.48 -8.57
CA VAL B 168 1.98 -2.23 -9.12
C VAL B 168 2.45 -2.51 -10.54
N PRO B 169 1.61 -2.21 -11.54
CA PRO B 169 1.95 -2.55 -12.92
C PRO B 169 2.95 -1.55 -13.53
N HIS B 170 3.50 -1.96 -14.67
CA HIS B 170 4.43 -1.13 -15.45
C HIS B 170 5.68 -0.81 -14.62
N THR B 171 6.20 -1.83 -13.98
CA THR B 171 7.48 -1.76 -13.28
C THR B 171 8.39 -2.86 -13.81
N HIS B 172 9.56 -3.03 -13.19
CA HIS B 172 10.46 -4.08 -13.65
C HIS B 172 11.39 -4.41 -12.51
N TRP B 173 11.92 -5.63 -12.55
CA TRP B 173 12.79 -6.16 -11.51
C TRP B 173 14.24 -5.89 -11.88
N ASP B 174 14.86 -4.93 -11.21
CA ASP B 174 16.30 -4.70 -11.29
C ASP B 174 16.95 -5.60 -10.26
N LYS B 175 17.52 -6.72 -10.72
CA LYS B 175 18.01 -7.69 -9.77
C LYS B 175 19.22 -7.21 -8.98
N ASN B 176 19.92 -6.17 -9.46
CA ASN B 176 21.03 -5.65 -8.67
C ASN B 176 20.61 -4.57 -7.68
N ALA B 177 19.40 -4.04 -7.80
CA ALA B 177 18.92 -3.04 -6.85
C ALA B 177 17.42 -2.92 -7.04
N PRO B 178 16.64 -3.84 -6.46
CA PRO B 178 15.21 -3.89 -6.81
C PRO B 178 14.43 -2.68 -6.35
N ARG B 179 14.87 -2.01 -5.28
CA ARG B 179 14.29 -0.73 -4.89
C ARG B 179 12.76 -0.84 -4.77
N ILE B 180 12.30 -1.80 -3.99
CA ILE B 180 10.87 -2.03 -3.87
C ILE B 180 10.16 -0.83 -3.28
N ASN B 181 10.68 -0.29 -2.17
CA ASN B 181 9.95 0.79 -1.51
C ASN B 181 10.01 2.09 -2.30
N GLU B 182 11.15 2.36 -2.96
CA GLU B 182 11.20 3.52 -3.84
C GLU B 182 10.25 3.37 -5.01
N THR B 183 10.02 2.13 -5.47
CA THR B 183 9.03 1.91 -6.51
C THR B 183 7.62 2.29 -6.03
N LEU B 184 7.29 1.95 -4.79
CA LEU B 184 5.98 2.32 -4.25
C LEU B 184 5.82 3.83 -4.17
N CYS B 185 6.93 4.55 -3.90
CA CYS B 185 6.84 6.01 -3.82
C CYS B 185 6.59 6.63 -5.17
N GLU B 186 6.91 5.94 -6.24
CA GLU B 186 6.71 6.51 -7.56
C GLU B 186 5.37 6.13 -8.16
N ARG B 187 4.66 5.16 -7.58
CA ARG B 187 3.51 4.55 -8.23
C ARG B 187 2.36 4.41 -7.23
N GLN B 188 1.19 4.08 -7.76
N GLN B 188 1.19 4.08 -7.77
CA GLN B 188 0.03 3.76 -6.93
CA GLN B 188 0.03 3.75 -6.95
C GLN B 188 -0.13 2.24 -6.87
C GLN B 188 -0.10 2.24 -6.86
N ILE B 189 -0.61 1.78 -5.72
CA ILE B 189 -0.87 0.36 -5.50
C ILE B 189 -2.34 0.07 -5.78
N ASP B 190 -2.59 -0.92 -6.65
CA ASP B 190 -3.92 -1.54 -6.79
C ASP B 190 -4.08 -2.72 -5.83
N THR B 191 -5.28 -2.85 -5.26
CA THR B 191 -5.61 -3.94 -4.36
C THR B 191 -6.82 -4.69 -4.90
N TYR B 192 -6.73 -6.01 -4.98
CA TYR B 192 -7.79 -6.83 -5.53
C TYR B 192 -8.26 -7.80 -4.46
N GLY B 193 -9.54 -7.71 -4.10
CA GLY B 193 -10.12 -8.69 -3.22
C GLY B 193 -10.55 -9.92 -3.98
N LEU B 194 -10.47 -11.06 -3.31
CA LEU B 194 -10.74 -12.33 -3.95
C LEU B 194 -11.69 -13.13 -3.07
N VAL B 195 -12.56 -13.89 -3.71
CA VAL B 195 -13.39 -14.84 -2.98
C VAL B 195 -13.09 -16.24 -3.50
N SER B 196 -13.29 -17.22 -2.63
CA SER B 196 -13.08 -18.62 -2.99
C SER B 196 -13.67 -18.92 -4.36
N GLY B 197 -12.86 -19.51 -5.23
CA GLY B 197 -13.30 -19.83 -6.57
C GLY B 197 -12.91 -18.83 -7.64
N ASP B 198 -12.42 -17.65 -7.25
CA ASP B 198 -11.95 -16.66 -8.21
C ASP B 198 -10.66 -17.11 -8.87
N LEU B 199 -10.52 -16.84 -10.16
CA LEU B 199 -9.26 -17.03 -10.87
C LEU B 199 -8.76 -15.66 -11.31
N TYR B 200 -7.45 -15.56 -11.59
CA TYR B 200 -6.96 -14.31 -12.16
C TYR B 200 -5.70 -14.55 -12.96
N LEU B 201 -5.51 -13.70 -13.98
CA LEU B 201 -4.33 -13.68 -14.82
C LEU B 201 -3.50 -12.45 -14.47
N LEU B 202 -2.20 -12.63 -14.29
CA LEU B 202 -1.32 -11.57 -13.86
C LEU B 202 -0.14 -11.46 -14.81
N ARG B 203 0.24 -10.23 -15.16
CA ARG B 203 1.47 -10.01 -15.93
C ARG B 203 2.56 -9.90 -14.88
N SER B 204 3.20 -11.03 -14.61
N SER B 204 3.18 -11.04 -14.60
CA SER B 204 3.95 -11.20 -13.37
CA SER B 204 3.98 -11.25 -13.40
C SER B 204 5.37 -10.68 -13.46
C SER B 204 5.36 -10.61 -13.45
N ASP B 205 5.89 -10.37 -14.65
CA ASP B 205 7.23 -9.83 -14.78
C ASP B 205 7.28 -8.31 -14.72
N THR B 206 6.22 -7.60 -15.10
CA THR B 206 6.21 -6.14 -14.99
C THR B 206 5.23 -5.59 -13.96
N THR B 207 4.54 -6.45 -13.22
CA THR B 207 3.64 -6.04 -12.15
C THR B 207 4.25 -6.51 -10.83
N MET B 208 4.78 -5.57 -10.05
CA MET B 208 5.23 -5.94 -8.72
C MET B 208 3.99 -6.34 -7.93
N HIS B 209 4.11 -7.42 -7.16
CA HIS B 209 2.91 -7.93 -6.52
C HIS B 209 3.23 -8.58 -5.18
N ARG B 210 2.19 -8.75 -4.37
CA ARG B 210 2.31 -9.37 -3.05
C ARG B 210 0.93 -9.77 -2.58
N THR B 211 0.88 -10.53 -1.49
CA THR B 211 -0.38 -10.80 -0.83
C THR B 211 -0.46 -9.99 0.45
N VAL B 212 -1.67 -9.55 0.79
CA VAL B 212 -1.87 -8.73 2.00
C VAL B 212 -1.80 -9.64 3.22
N PRO B 213 -1.00 -9.31 4.24
CA PRO B 213 -0.81 -10.22 5.37
C PRO B 213 -2.12 -10.56 6.04
N LEU B 214 -2.25 -11.82 6.44
CA LEU B 214 -3.45 -12.26 7.14
C LEU B 214 -3.51 -11.60 8.52
N THR B 215 -4.72 -11.21 8.91
CA THR B 215 -4.92 -10.47 10.16
C THR B 215 -5.37 -11.36 11.31
N GLU B 216 -5.99 -12.50 11.03
CA GLU B 216 -6.42 -13.44 12.05
C GLU B 216 -5.75 -14.79 11.84
N ASP B 217 -5.57 -15.53 12.93
CA ASP B 217 -5.23 -16.94 12.80
C ASP B 217 -6.48 -17.71 12.41
N GLY B 218 -6.28 -18.82 11.72
CA GLY B 218 -7.42 -19.58 11.22
C GLY B 218 -8.08 -18.98 10.01
N ALA B 219 -7.43 -18.01 9.35
CA ALA B 219 -7.90 -17.50 8.07
C ALA B 219 -7.23 -18.35 6.98
N VAL B 220 -8.01 -19.21 6.35
CA VAL B 220 -7.46 -20.18 5.40
C VAL B 220 -7.39 -19.54 4.02
N ARG B 221 -6.18 -19.53 3.44
CA ARG B 221 -5.92 -18.97 2.12
C ARG B 221 -5.16 -20.00 1.30
N THR B 222 -5.82 -20.62 0.33
CA THR B 222 -5.20 -21.63 -0.52
C THR B 222 -5.19 -21.16 -1.97
N MET B 223 -4.00 -21.06 -2.53
CA MET B 223 -3.74 -20.55 -3.88
C MET B 223 -3.02 -21.60 -4.69
N LEU B 224 -3.54 -21.88 -5.88
CA LEU B 224 -2.79 -22.61 -6.90
C LEU B 224 -2.23 -21.58 -7.87
N VAL B 225 -0.91 -21.60 -8.06
CA VAL B 225 -0.22 -20.66 -8.93
C VAL B 225 0.36 -21.43 -10.11
N VAL B 226 0.08 -20.96 -11.33
CA VAL B 226 0.54 -21.58 -12.56
C VAL B 226 1.32 -20.55 -13.35
N SER B 227 2.58 -20.86 -13.66
CA SER B 227 3.46 -19.94 -14.38
C SER B 227 3.60 -20.33 -15.84
N TRP B 228 3.37 -19.37 -16.72
CA TRP B 228 3.61 -19.52 -18.16
C TRP B 228 4.56 -18.45 -18.68
N SER B 229 5.18 -18.75 -19.81
CA SER B 229 6.11 -17.87 -20.49
C SER B 229 5.46 -17.20 -21.69
N ALA B 230 6.11 -16.12 -22.12
CA ALA B 230 5.87 -15.50 -23.42
C ALA B 230 7.13 -15.65 -24.26
N GLU B 231 7.05 -15.19 -25.51
CA GLU B 231 8.22 -15.22 -26.37
C GLU B 231 9.39 -14.44 -25.77
N ARG B 232 9.11 -13.35 -25.04
CA ARG B 232 10.19 -12.61 -24.40
C ARG B 232 10.95 -13.47 -23.39
N ASP B 233 10.28 -14.44 -22.74
CA ASP B 233 10.98 -15.28 -21.78
C ASP B 233 11.84 -16.33 -22.46
N LEU B 234 11.45 -16.77 -23.64
CA LEU B 234 12.31 -17.66 -24.41
C LEU B 234 13.51 -16.91 -24.95
N GLY B 235 13.30 -15.64 -25.35
CA GLY B 235 14.41 -14.83 -25.84
C GLY B 235 15.42 -14.51 -24.74
N LYS B 236 14.93 -14.29 -23.52
CA LYS B 236 15.83 -14.10 -22.38
C LYS B 236 16.66 -15.36 -22.12
N VAL B 237 16.04 -16.54 -22.26
CA VAL B 237 16.80 -17.77 -22.11
C VAL B 237 17.85 -17.88 -23.22
N LEU B 238 17.44 -17.65 -24.47
CA LEU B 238 18.37 -17.85 -25.58
C LEU B 238 19.52 -16.84 -25.57
N THR B 239 19.28 -15.63 -25.07
CA THR B 239 20.34 -14.62 -25.02
C THR B 239 21.04 -14.57 -23.66
N GLY B 240 20.50 -15.25 -22.66
CA GLY B 240 20.95 -15.08 -21.28
C GLY B 240 20.86 -13.65 -20.81
N ASN B 241 20.04 -12.84 -21.47
CA ASN B 241 20.03 -11.39 -21.31
C ASN B 241 18.61 -10.85 -21.43
N ASP B 242 18.34 -9.76 -20.71
CA ASP B 242 17.08 -9.04 -20.87
C ASP B 242 17.04 -8.27 -22.18
N ARG B 243 17.07 -8.99 -23.31
CA ARG B 243 17.03 -8.42 -24.64
C ARG B 243 17.03 -9.52 -25.70
O1 VVO C . -3.04 10.18 13.57
V1 VVO C . -3.36 10.02 12.02
C1 SIN D . -0.98 -14.83 -4.72
O1 SIN D . -1.03 -15.77 -3.88
O2 SIN D . -2.04 -14.23 -5.06
C2 SIN D . 0.36 -14.40 -5.33
C3 SIN D . 0.96 -15.56 -6.14
C4 SIN D . 2.08 -15.07 -7.06
O3 SIN D . 2.00 -15.26 -8.30
O4 SIN D . 3.09 -14.49 -6.56
O1 VVO E . 5.22 -15.50 -8.09
V1 VVO E . 4.48 -14.08 -8.06
#